data_1YWV
#
_entry.id   1YWV
#
_cell.length_a   99.253
_cell.length_b   99.253
_cell.length_c   80.304
_cell.angle_alpha   90.00
_cell.angle_beta   90.00
_cell.angle_gamma   120.00
#
_symmetry.space_group_name_H-M   'P 65'
#
loop_
_entity.id
_entity.type
_entity.pdbx_description
1 polymer 'Proto-oncogene serine/threonine-protein kinase Pim-1'
2 non-polymer IMIDAZOLE
3 water water
#
_entity_poly.entity_id   1
_entity_poly.type   'polypeptide(L)'
_entity_poly.pdbx_seq_one_letter_code
;KEKEPLESQYQVGPLLGSGGFGSVYSGIRVSDNLPVAIKHVEKDRISDWGELPNGTRVPMEVVLLKKVSSGFSGVIRLLD
WFERPDSFVLILERPEPVQDLFDFITERGALQEELARSFFWQVLEAVRHCHNCGVLHRDIKDENILIDLNRGELKLIDFG
SGALLKDTVYTDFDGTRVYSPPEWIRYHRYHGRSAAVWSLGILLYDMVCGDIPFEHDEEIIRGQVFFRQRVSSECQHLIR
WCLALRPSDRPTFEEIQNHPWMQDVLLPQETAEIHLHSLSPGPSKVDHHHHHH
;
_entity_poly.pdbx_strand_id   A
#
loop_
_chem_comp.id
_chem_comp.type
_chem_comp.name
_chem_comp.formula
IMD non-polymer IMIDAZOLE 'C3 H5 N2 1'
#
# COMPACT_ATOMS: atom_id res chain seq x y z
N PRO A 5 7.27 31.84 1.56
CA PRO A 5 7.27 30.41 1.14
C PRO A 5 8.66 29.93 0.66
N LEU A 6 8.70 29.02 -0.32
CA LEU A 6 9.93 28.47 -0.90
C LEU A 6 10.40 27.25 -0.08
N GLU A 7 11.61 27.28 0.48
CA GLU A 7 12.09 26.19 1.31
C GLU A 7 12.69 26.76 2.62
N SER A 8 11.89 27.66 3.19
CA SER A 8 12.10 28.27 4.50
C SER A 8 11.09 27.61 5.45
N GLN A 9 10.06 27.00 4.88
CA GLN A 9 8.97 26.39 5.63
C GLN A 9 9.34 25.10 6.36
N TYR A 10 10.43 24.45 5.96
CA TYR A 10 10.81 23.18 6.56
C TYR A 10 12.30 23.08 6.93
N GLN A 11 12.57 22.37 8.03
CA GLN A 11 13.90 22.09 8.51
C GLN A 11 14.18 20.65 8.08
N VAL A 12 15.18 20.47 7.22
CA VAL A 12 15.48 19.16 6.64
C VAL A 12 16.41 18.30 7.49
N GLY A 13 15.88 17.17 7.96
CA GLY A 13 16.64 16.21 8.76
C GLY A 13 17.37 15.17 7.92
N PRO A 14 17.66 14.01 8.50
CA PRO A 14 18.38 12.96 7.79
C PRO A 14 17.59 12.23 6.70
N LEU A 15 18.33 11.57 5.83
CA LEU A 15 17.75 10.76 4.78
C LEU A 15 17.10 9.51 5.42
N LEU A 16 15.86 9.23 5.06
CA LEU A 16 15.13 8.05 5.56
C LEU A 16 15.22 6.85 4.62
N GLY A 17 15.38 7.14 3.33
CA GLY A 17 15.45 6.10 2.31
C GLY A 17 15.44 6.64 0.88
N SER A 18 15.73 5.74 -0.07
CA SER A 18 15.72 6.05 -1.50
C SER A 18 15.59 4.77 -2.36
N GLY A 19 14.94 4.89 -3.50
CA GLY A 19 14.74 3.79 -4.43
C GLY A 19 13.91 4.23 -5.63
N GLY A 20 12.94 3.40 -6.01
CA GLY A 20 12.05 3.71 -7.14
C GLY A 20 11.08 4.85 -6.84
N PHE A 21 10.93 5.17 -5.56
CA PHE A 21 10.04 6.25 -5.10
C PHE A 21 10.73 7.65 -5.09
N GLY A 22 12.07 7.67 -5.14
CA GLY A 22 12.83 8.90 -5.08
C GLY A 22 13.83 8.86 -3.92
N SER A 23 13.97 10.00 -3.22
CA SER A 23 14.82 10.18 -2.05
C SER A 23 13.95 10.90 -1.01
N VAL A 24 13.83 10.34 0.18
CA VAL A 24 12.96 10.87 1.23
C VAL A 24 13.73 11.28 2.46
N TYR A 25 13.53 12.51 2.91
CA TYR A 25 14.25 13.06 4.06
C TYR A 25 13.28 13.29 5.23
N SER A 26 13.79 13.11 6.45
CA SER A 26 13.03 13.42 7.64
C SER A 26 12.96 14.91 7.66
N GLY A 27 11.84 15.45 8.14
CA GLY A 27 11.66 16.88 8.16
C GLY A 27 10.74 17.34 9.28
N ILE A 28 10.70 18.64 9.50
CA ILE A 28 9.87 19.25 10.52
C ILE A 28 9.30 20.53 9.93
N ARG A 29 8.01 20.77 10.12
CA ARG A 29 7.41 22.01 9.65
C ARG A 29 7.63 23.01 10.78
N VAL A 30 8.18 24.17 10.43
CA VAL A 30 8.49 25.21 11.42
C VAL A 30 7.23 25.93 11.89
N SER A 31 6.18 25.92 11.06
CA SER A 31 4.93 26.58 11.43
C SER A 31 4.37 26.05 12.75
N ASP A 32 4.50 24.74 13.00
CA ASP A 32 3.95 24.14 14.23
C ASP A 32 4.64 22.85 14.69
N ASN A 33 5.95 22.73 14.46
CA ASN A 33 6.73 21.52 14.82
C ASN A 33 6.21 20.17 14.32
N LEU A 34 5.34 20.16 13.31
CA LEU A 34 4.79 18.91 12.82
C LEU A 34 5.84 18.07 12.10
N PRO A 35 5.98 16.80 12.47
CA PRO A 35 6.85 15.89 11.72
C PRO A 35 6.36 15.68 10.29
N VAL A 36 7.27 15.71 9.31
CA VAL A 36 6.93 15.48 7.92
C VAL A 36 8.01 14.68 7.19
N ALA A 37 7.66 14.11 6.05
CA ALA A 37 8.60 13.40 5.21
C ALA A 37 8.72 14.24 3.95
N ILE A 38 9.94 14.48 3.49
CA ILE A 38 10.16 15.33 2.32
C ILE A 38 10.70 14.46 1.21
N LYS A 39 9.86 14.21 0.21
CA LYS A 39 10.18 13.31 -0.89
C LYS A 39 10.49 14.05 -2.17
N HIS A 40 11.68 13.81 -2.71
CA HIS A 40 12.14 14.42 -3.94
C HIS A 40 12.04 13.43 -5.08
N VAL A 41 11.35 13.83 -6.15
CA VAL A 41 11.18 13.00 -7.34
C VAL A 41 11.78 13.76 -8.54
N GLU A 42 12.75 13.16 -9.22
CA GLU A 42 13.34 13.80 -10.38
C GLU A 42 12.38 13.77 -11.57
N LYS A 43 12.31 14.89 -12.30
CA LYS A 43 11.43 15.02 -13.46
C LYS A 43 11.77 13.98 -14.52
N ASP A 44 13.06 13.85 -14.82
CA ASP A 44 13.56 12.92 -15.84
C ASP A 44 13.38 11.44 -15.52
N ARG A 45 12.78 11.13 -14.38
CA ARG A 45 12.54 9.75 -13.95
C ARG A 45 11.06 9.38 -13.82
N ILE A 46 10.14 10.29 -14.15
CA ILE A 46 8.71 9.97 -14.07
C ILE A 46 8.17 9.75 -15.47
N SER A 47 7.38 8.69 -15.62
CA SER A 47 6.77 8.35 -16.91
C SER A 47 5.30 8.77 -16.95
N ASP A 48 4.58 8.57 -15.85
CA ASP A 48 3.15 8.86 -15.79
C ASP A 48 2.88 10.27 -15.26
N TRP A 49 2.18 11.08 -16.06
CA TRP A 49 1.81 12.46 -15.73
C TRP A 49 0.29 12.64 -15.82
N GLY A 50 -0.23 13.60 -15.08
CA GLY A 50 -1.65 13.92 -15.09
C GLY A 50 -1.89 15.39 -14.78
N GLU A 51 -3.14 15.78 -14.55
CA GLU A 51 -3.43 17.16 -14.20
C GLU A 51 -4.36 17.29 -12.97
N LEU A 52 -4.11 18.33 -12.18
CA LEU A 52 -4.89 18.59 -10.97
C LEU A 52 -6.20 19.28 -11.33
N PRO A 53 -7.17 19.31 -10.39
CA PRO A 53 -8.43 20.05 -10.63
C PRO A 53 -8.21 21.50 -11.11
N ASN A 54 -7.11 22.12 -10.67
CA ASN A 54 -6.69 23.47 -11.08
C ASN A 54 -6.27 23.50 -12.57
N GLY A 55 -5.74 22.37 -13.04
CA GLY A 55 -5.34 22.22 -14.43
C GLY A 55 -3.87 22.53 -14.62
N THR A 56 -3.03 21.78 -13.90
CA THR A 56 -1.57 21.87 -13.95
C THR A 56 -0.98 20.48 -14.26
N ARG A 57 0.20 20.46 -14.89
CA ARG A 57 0.86 19.21 -15.26
C ARG A 57 1.81 18.72 -14.16
N VAL A 58 1.31 17.79 -13.34
CA VAL A 58 2.13 17.26 -12.23
C VAL A 58 2.28 15.73 -12.36
N PRO A 59 3.23 15.13 -11.64
CA PRO A 59 3.38 13.68 -11.64
C PRO A 59 2.07 13.03 -11.23
N MET A 60 1.72 11.90 -11.80
CA MET A 60 0.49 11.19 -11.43
C MET A 60 0.44 10.97 -9.92
N GLU A 61 1.59 10.69 -9.32
CA GLU A 61 1.68 10.50 -7.88
C GLU A 61 1.00 11.64 -7.10
N VAL A 62 1.24 12.88 -7.51
CA VAL A 62 0.62 14.06 -6.86
C VAL A 62 -0.89 14.12 -7.10
N VAL A 63 -1.32 13.83 -8.31
CA VAL A 63 -2.75 13.79 -8.65
C VAL A 63 -3.46 12.83 -7.71
N LEU A 64 -2.95 11.60 -7.65
CA LEU A 64 -3.52 10.53 -6.81
C LEU A 64 -3.52 10.86 -5.33
N LEU A 65 -2.38 11.34 -4.84
CA LEU A 65 -2.26 11.73 -3.43
C LEU A 65 -3.28 12.81 -3.04
N LYS A 66 -3.47 13.82 -3.89
CA LYS A 66 -4.42 14.88 -3.59
C LYS A 66 -5.84 14.32 -3.47
N LYS A 67 -6.16 13.36 -4.35
CA LYS A 67 -7.47 12.74 -4.34
C LYS A 67 -7.75 11.93 -3.08
N VAL A 68 -6.73 11.32 -2.46
CA VAL A 68 -6.95 10.51 -1.26
C VAL A 68 -6.62 11.19 0.06
N SER A 69 -6.10 12.42 0.00
CA SER A 69 -5.71 13.16 1.21
C SER A 69 -6.94 13.87 1.80
N SER A 70 -7.04 13.87 3.13
CA SER A 70 -8.21 14.37 3.92
C SER A 70 -8.53 13.40 5.09
N GLY A 71 -9.65 13.65 5.78
CA GLY A 71 -10.12 12.84 6.91
C GLY A 71 -9.50 11.50 7.28
N PHE A 72 -9.41 10.57 6.32
CA PHE A 72 -8.88 9.25 6.62
C PHE A 72 -7.40 9.18 6.89
N SER A 73 -7.06 8.44 7.94
CA SER A 73 -5.69 8.27 8.35
C SER A 73 -5.10 6.95 7.85
N GLY A 74 -5.81 6.25 6.98
CA GLY A 74 -5.33 4.98 6.43
C GLY A 74 -4.32 5.13 5.29
N VAL A 75 -4.17 6.36 4.80
CA VAL A 75 -3.18 6.70 3.78
C VAL A 75 -2.31 7.85 4.32
N ILE A 76 -1.00 7.78 4.12
CA ILE A 76 -0.10 8.88 4.44
C ILE A 76 -0.50 10.04 3.53
N ARG A 77 -0.87 11.16 4.14
CA ARG A 77 -1.40 12.32 3.44
C ARG A 77 -0.35 13.30 2.92
N LEU A 78 -0.63 13.84 1.74
CA LEU A 78 0.19 14.90 1.13
C LEU A 78 -0.26 16.24 1.70
N LEU A 79 0.63 16.91 2.41
CA LEU A 79 0.35 18.21 3.03
C LEU A 79 0.64 19.40 2.12
N ASP A 80 1.56 19.21 1.17
CA ASP A 80 1.94 20.28 0.25
C ASP A 80 2.95 19.70 -0.74
N TRP A 81 3.15 20.42 -1.84
CA TRP A 81 4.12 20.03 -2.84
C TRP A 81 4.69 21.27 -3.50
N PHE A 82 5.87 21.10 -4.07
CA PHE A 82 6.60 22.20 -4.69
C PHE A 82 7.18 21.74 -6.01
N GLU A 83 7.35 22.67 -6.94
CA GLU A 83 7.98 22.36 -8.21
C GLU A 83 9.32 23.09 -8.32
N ARG A 84 10.31 22.38 -8.84
CA ARG A 84 11.66 22.89 -9.10
C ARG A 84 11.97 22.63 -10.56
N PRO A 85 13.02 23.27 -11.12
CA PRO A 85 13.38 23.06 -12.53
C PRO A 85 13.56 21.59 -12.93
N ASP A 86 14.21 20.78 -12.10
CA ASP A 86 14.45 19.38 -12.44
C ASP A 86 13.71 18.34 -11.60
N SER A 87 12.87 18.78 -10.66
CA SER A 87 12.19 17.85 -9.77
C SER A 87 10.92 18.40 -9.12
N PHE A 88 10.22 17.52 -8.40
CA PHE A 88 9.05 17.88 -7.60
C PHE A 88 9.34 17.44 -6.17
N VAL A 89 8.98 18.27 -5.20
CA VAL A 89 9.18 17.97 -3.79
C VAL A 89 7.79 17.78 -3.17
N LEU A 90 7.60 16.67 -2.49
CA LEU A 90 6.32 16.32 -1.86
C LEU A 90 6.48 16.34 -0.35
N ILE A 91 5.58 17.03 0.33
CA ILE A 91 5.61 17.08 1.79
C ILE A 91 4.53 16.14 2.25
N LEU A 92 4.95 15.06 2.90
CA LEU A 92 4.03 14.03 3.37
C LEU A 92 4.02 14.00 4.88
N GLU A 93 3.00 13.41 5.47
CA GLU A 93 2.96 13.34 6.93
C GLU A 93 3.90 12.23 7.41
N ARG A 94 4.42 12.38 8.62
CA ARG A 94 5.38 11.41 9.15
C ARG A 94 5.00 10.99 10.56
N PRO A 95 4.33 9.85 10.70
CA PRO A 95 4.01 9.31 12.02
C PRO A 95 5.29 8.91 12.74
N GLU A 96 5.29 8.89 14.08
CA GLU A 96 6.49 8.54 14.85
C GLU A 96 6.15 7.97 16.24
N PRO A 97 6.71 6.82 16.63
CA PRO A 97 7.65 6.02 15.81
C PRO A 97 6.93 5.17 14.79
N VAL A 98 7.68 4.74 13.79
CA VAL A 98 7.11 4.05 12.67
C VAL A 98 8.02 2.93 12.12
N GLN A 99 7.41 1.89 11.55
CA GLN A 99 8.15 0.80 10.89
C GLN A 99 7.30 0.26 9.76
N ASP A 100 7.91 -0.02 8.60
CA ASP A 100 7.10 -0.58 7.51
C ASP A 100 6.85 -2.06 7.77
N LEU A 101 5.83 -2.60 7.10
CA LEU A 101 5.40 -3.94 7.35
C LEU A 101 6.46 -4.97 6.95
N PHE A 102 7.21 -4.69 5.88
CA PHE A 102 8.28 -5.61 5.47
C PHE A 102 9.27 -5.80 6.62
N ASP A 103 9.77 -4.69 7.18
CA ASP A 103 10.74 -4.74 8.26
C ASP A 103 10.13 -5.39 9.49
N PHE A 104 8.85 -5.12 9.73
CA PHE A 104 8.15 -5.67 10.89
C PHE A 104 8.12 -7.20 10.79
N ILE A 105 7.81 -7.72 9.60
CA ILE A 105 7.73 -9.16 9.39
C ILE A 105 9.13 -9.80 9.44
N THR A 106 10.13 -9.13 8.84
CA THR A 106 11.51 -9.63 8.85
C THR A 106 11.98 -9.83 10.28
N GLU A 107 11.61 -8.92 11.16
CA GLU A 107 12.03 -8.96 12.55
C GLU A 107 11.27 -9.97 13.39
N ARG A 108 9.97 -10.07 13.20
CA ARG A 108 9.15 -10.92 14.05
C ARG A 108 8.69 -12.21 13.43
N GLY A 109 8.90 -12.36 12.13
CA GLY A 109 8.45 -13.53 11.41
C GLY A 109 6.95 -13.51 11.24
N ALA A 110 6.40 -14.64 10.84
CA ALA A 110 4.96 -14.82 10.64
C ALA A 110 4.16 -14.21 11.77
N LEU A 111 3.14 -13.43 11.44
CA LEU A 111 2.32 -12.80 12.44
C LEU A 111 1.21 -13.71 12.93
N GLN A 112 0.89 -13.60 14.21
CA GLN A 112 -0.23 -14.31 14.80
C GLN A 112 -1.48 -13.89 14.06
N GLU A 113 -2.45 -14.79 13.93
CA GLU A 113 -3.67 -14.48 13.18
C GLU A 113 -4.46 -13.26 13.69
N GLU A 114 -4.49 -13.06 14.99
CA GLU A 114 -5.19 -11.89 15.54
C GLU A 114 -4.58 -10.59 15.04
N LEU A 115 -3.25 -10.56 14.99
CA LEU A 115 -2.53 -9.38 14.52
C LEU A 115 -2.70 -9.20 13.02
N ALA A 116 -2.53 -10.27 12.24
CA ALA A 116 -2.73 -10.21 10.80
C ALA A 116 -4.16 -9.75 10.47
N ARG A 117 -5.14 -10.22 11.23
CA ARG A 117 -6.53 -9.79 11.01
C ARG A 117 -6.67 -8.27 11.17
N SER A 118 -6.13 -7.71 12.24
CA SER A 118 -6.21 -6.27 12.47
C SER A 118 -5.51 -5.47 11.38
N PHE A 119 -4.33 -5.94 11.00
CA PHE A 119 -3.56 -5.26 9.99
C PHE A 119 -4.25 -5.35 8.64
N PHE A 120 -4.67 -6.56 8.27
CA PHE A 120 -5.32 -6.79 6.97
C PHE A 120 -6.61 -5.99 6.84
N TRP A 121 -7.40 -5.97 7.90
CA TRP A 121 -8.63 -5.19 7.96
C TRP A 121 -8.33 -3.72 7.67
N GLN A 122 -7.29 -3.17 8.29
CA GLN A 122 -6.94 -1.77 8.10
C GLN A 122 -6.49 -1.50 6.66
N VAL A 123 -5.76 -2.45 6.07
CA VAL A 123 -5.33 -2.30 4.68
C VAL A 123 -6.59 -2.29 3.79
N LEU A 124 -7.53 -3.17 4.06
CA LEU A 124 -8.78 -3.20 3.32
C LEU A 124 -9.50 -1.87 3.40
N GLU A 125 -9.59 -1.27 4.58
CA GLU A 125 -10.30 0.01 4.73
C GLU A 125 -9.58 1.10 3.92
N ALA A 126 -8.26 1.05 3.90
CA ALA A 126 -7.44 2.04 3.17
C ALA A 126 -7.63 1.92 1.68
N VAL A 127 -7.65 0.68 1.19
CA VAL A 127 -7.82 0.42 -0.23
C VAL A 127 -9.23 0.85 -0.63
N ARG A 128 -10.22 0.57 0.20
CA ARG A 128 -11.59 1.02 -0.08
C ARG A 128 -11.66 2.55 -0.19
N HIS A 129 -10.97 3.24 0.71
CA HIS A 129 -10.95 4.69 0.70
C HIS A 129 -10.35 5.17 -0.61
N CYS A 130 -9.23 4.59 -1.01
CA CYS A 130 -8.60 4.93 -2.28
C CYS A 130 -9.56 4.74 -3.43
N HIS A 131 -10.17 3.57 -3.50
N HIS A 131 -10.16 3.56 -3.48
CA HIS A 131 -11.08 3.25 -4.59
CA HIS A 131 -11.14 3.16 -4.49
C HIS A 131 -12.31 4.18 -4.59
C HIS A 131 -12.30 4.16 -4.58
N ASN A 132 -12.79 4.60 -3.42
CA ASN A 132 -13.90 5.55 -3.33
C ASN A 132 -13.52 6.93 -3.84
N CYS A 133 -12.24 7.24 -3.73
CA CYS A 133 -11.68 8.51 -4.18
C CYS A 133 -11.29 8.49 -5.67
N GLY A 134 -11.50 7.36 -6.34
CA GLY A 134 -11.17 7.21 -7.74
C GLY A 134 -9.70 6.86 -7.97
N VAL A 135 -9.08 6.23 -6.99
CA VAL A 135 -7.67 5.89 -7.03
C VAL A 135 -7.36 4.40 -6.82
N LEU A 136 -6.49 3.88 -7.67
CA LEU A 136 -6.01 2.52 -7.66
C LEU A 136 -4.50 2.61 -7.37
N HIS A 137 -4.08 2.02 -6.26
CA HIS A 137 -2.69 2.05 -5.83
C HIS A 137 -1.74 1.25 -6.73
N ARG A 138 -2.17 0.04 -7.09
CA ARG A 138 -1.45 -0.89 -7.97
C ARG A 138 -0.13 -1.49 -7.47
N ASP A 139 0.29 -1.15 -6.26
CA ASP A 139 1.52 -1.73 -5.70
C ASP A 139 1.31 -2.04 -4.22
N ILE A 140 0.18 -2.67 -3.87
CA ILE A 140 -0.06 -2.99 -2.47
C ILE A 140 0.92 -4.11 -2.09
N LYS A 141 1.74 -3.86 -1.08
CA LYS A 141 2.72 -4.84 -0.58
C LYS A 141 3.26 -4.37 0.79
N ASP A 142 3.90 -5.28 1.51
CA ASP A 142 4.41 -4.96 2.84
C ASP A 142 5.33 -3.73 2.90
N GLU A 143 6.17 -3.54 1.89
CA GLU A 143 7.09 -2.41 1.82
C GLU A 143 6.34 -1.08 1.69
N ASN A 144 5.11 -1.12 1.18
CA ASN A 144 4.32 0.10 0.99
C ASN A 144 3.28 0.31 2.06
N ILE A 145 3.47 -0.33 3.23
CA ILE A 145 2.59 -0.19 4.39
C ILE A 145 3.41 0.21 5.63
N LEU A 146 3.05 1.33 6.22
CA LEU A 146 3.72 1.84 7.41
C LEU A 146 2.85 1.60 8.64
N ILE A 147 3.48 1.16 9.73
CA ILE A 147 2.78 0.94 10.98
C ILE A 147 3.12 2.05 11.95
N ASP A 148 2.11 2.77 12.41
CA ASP A 148 2.27 3.77 13.45
C ASP A 148 2.30 2.88 14.67
N LEU A 149 3.49 2.66 15.23
CA LEU A 149 3.66 1.71 16.36
C LEU A 149 2.91 2.04 17.66
N ASN A 150 2.77 3.31 17.99
CA ASN A 150 2.07 3.70 19.22
C ASN A 150 0.54 3.59 19.14
N ARG A 151 -0.01 3.83 17.95
CA ARG A 151 -1.47 3.80 17.75
C ARG A 151 -1.99 2.50 17.16
N GLY A 152 -1.09 1.68 16.61
CA GLY A 152 -1.47 0.45 15.93
C GLY A 152 -2.20 0.69 14.62
N GLU A 153 -1.92 1.82 13.98
CA GLU A 153 -2.58 2.21 12.74
C GLU A 153 -1.67 2.05 11.53
N LEU A 154 -2.19 1.39 10.50
CA LEU A 154 -1.45 1.17 9.27
C LEU A 154 -1.73 2.29 8.30
N LYS A 155 -0.74 2.57 7.47
CA LYS A 155 -0.84 3.66 6.52
C LYS A 155 -0.21 3.27 5.20
N LEU A 156 -0.94 3.48 4.11
CA LEU A 156 -0.50 3.15 2.78
C LEU A 156 0.41 4.25 2.21
N ILE A 157 1.53 3.86 1.60
CA ILE A 157 2.46 4.78 0.94
C ILE A 157 2.82 4.41 -0.50
N ASP A 158 3.50 5.35 -1.16
CA ASP A 158 4.03 5.21 -2.51
C ASP A 158 2.99 4.91 -3.62
N PHE A 159 2.35 5.99 -4.09
CA PHE A 159 1.36 5.95 -5.15
C PHE A 159 1.99 6.20 -6.52
N GLY A 160 3.31 6.08 -6.59
CA GLY A 160 4.07 6.32 -7.80
C GLY A 160 3.82 5.39 -8.97
N SER A 161 3.19 4.24 -8.72
CA SER A 161 2.84 3.29 -9.77
C SER A 161 1.33 3.20 -9.92
N GLY A 162 0.60 4.11 -9.28
CA GLY A 162 -0.85 4.09 -9.29
C GLY A 162 -1.49 4.63 -10.54
N ALA A 163 -2.82 4.55 -10.56
CA ALA A 163 -3.61 5.07 -11.67
C ALA A 163 -4.99 5.49 -11.21
N LEU A 164 -5.62 6.32 -12.03
CA LEU A 164 -7.02 6.66 -11.81
C LEU A 164 -7.77 5.33 -11.96
N LEU A 165 -8.76 5.14 -11.10
CA LEU A 165 -9.60 3.94 -11.16
C LEU A 165 -10.51 4.03 -12.37
N LYS A 166 -10.65 2.92 -13.09
CA LYS A 166 -11.55 2.83 -14.25
C LYS A 166 -12.07 1.41 -14.30
N ASP A 167 -13.14 1.21 -15.07
CA ASP A 167 -13.80 -0.08 -15.20
C ASP A 167 -13.29 -0.89 -16.40
N THR A 168 -12.49 -0.26 -17.25
CA THR A 168 -11.95 -0.91 -18.44
C THR A 168 -10.56 -1.51 -18.17
N VAL A 169 -10.05 -2.26 -19.15
CA VAL A 169 -8.78 -2.97 -19.00
C VAL A 169 -7.56 -2.08 -18.87
N TYR A 170 -6.61 -2.51 -18.04
CA TYR A 170 -5.32 -1.85 -17.86
C TYR A 170 -4.31 -2.72 -18.62
N THR A 171 -3.49 -2.10 -19.47
CA THR A 171 -2.46 -2.82 -20.24
C THR A 171 -1.04 -2.41 -19.83
N ASP A 172 -0.92 -1.64 -18.76
CA ASP A 172 0.37 -1.21 -18.23
C ASP A 172 0.44 -1.61 -16.76
N PHE A 173 1.64 -1.89 -16.28
CA PHE A 173 1.83 -2.29 -14.89
C PHE A 173 3.29 -2.08 -14.51
N ASP A 174 3.55 -1.14 -13.61
N ASP A 174 3.52 -1.12 -13.62
CA ASP A 174 4.90 -0.84 -13.16
CA ASP A 174 4.85 -0.75 -13.14
C ASP A 174 5.03 -1.14 -11.67
C ASP A 174 4.98 -1.07 -11.65
N GLY A 175 4.10 -1.93 -11.15
CA GLY A 175 4.12 -2.32 -9.75
C GLY A 175 5.04 -3.52 -9.56
N THR A 176 5.06 -4.07 -8.35
CA THR A 176 5.94 -5.19 -8.01
C THR A 176 5.41 -6.46 -8.64
N ARG A 177 6.30 -7.15 -9.37
CA ARG A 177 5.94 -8.34 -10.12
C ARG A 177 5.33 -9.49 -9.32
N VAL A 178 5.98 -9.86 -8.21
CA VAL A 178 5.56 -11.01 -7.42
C VAL A 178 4.22 -10.79 -6.77
N TYR A 179 3.70 -9.57 -6.85
CA TYR A 179 2.38 -9.23 -6.32
C TYR A 179 1.37 -9.02 -7.47
N SER A 180 1.82 -9.36 -8.69
CA SER A 180 1.05 -9.19 -9.94
C SER A 180 0.32 -10.48 -10.34
N PRO A 181 -0.91 -10.29 -10.79
CA PRO A 181 -1.78 -11.42 -11.06
C PRO A 181 -1.44 -12.25 -12.29
N PRO A 182 -1.95 -13.48 -12.33
CA PRO A 182 -1.71 -14.39 -13.45
C PRO A 182 -2.14 -13.80 -14.80
N GLU A 183 -3.21 -13.01 -14.82
CA GLU A 183 -3.71 -12.40 -16.05
C GLU A 183 -2.74 -11.37 -16.59
N TRP A 184 -1.96 -10.75 -15.71
CA TRP A 184 -0.93 -9.82 -16.18
C TRP A 184 0.21 -10.64 -16.79
N ILE A 185 0.61 -11.73 -16.13
CA ILE A 185 1.71 -12.58 -16.61
C ILE A 185 1.43 -13.21 -17.97
N ARG A 186 0.20 -13.71 -18.13
CA ARG A 186 -0.19 -14.42 -19.35
C ARG A 186 -0.70 -13.56 -20.50
N TYR A 187 -1.40 -12.47 -20.19
CA TYR A 187 -2.01 -11.63 -21.24
C TYR A 187 -1.67 -10.14 -21.23
N HIS A 188 -0.90 -9.68 -20.26
CA HIS A 188 -0.58 -8.25 -20.16
C HIS A 188 -1.89 -7.41 -20.08
N ARG A 189 -2.87 -7.95 -19.35
CA ARG A 189 -4.18 -7.33 -19.17
C ARG A 189 -4.75 -7.64 -17.80
N TYR A 190 -5.37 -6.65 -17.18
CA TYR A 190 -6.05 -6.85 -15.90
C TYR A 190 -7.08 -5.74 -15.61
N HIS A 191 -8.03 -6.04 -14.75
CA HIS A 191 -8.98 -5.04 -14.28
C HIS A 191 -8.57 -4.62 -12.86
N GLY A 192 -8.79 -3.35 -12.53
CA GLY A 192 -8.35 -2.77 -11.28
C GLY A 192 -8.67 -3.50 -9.98
N ARG A 193 -9.95 -3.73 -9.75
CA ARG A 193 -10.43 -4.32 -8.51
C ARG A 193 -9.94 -5.75 -8.30
N SER A 194 -10.08 -6.59 -9.31
CA SER A 194 -9.65 -7.98 -9.15
C SER A 194 -8.11 -8.11 -9.03
N ALA A 195 -7.37 -7.21 -9.65
CA ALA A 195 -5.90 -7.22 -9.53
C ALA A 195 -5.55 -6.79 -8.14
N ALA A 196 -6.31 -5.84 -7.59
CA ALA A 196 -6.07 -5.38 -6.22
C ALA A 196 -6.32 -6.53 -5.24
N VAL A 197 -7.36 -7.33 -5.47
CA VAL A 197 -7.71 -8.44 -4.58
C VAL A 197 -6.60 -9.50 -4.65
N TRP A 198 -6.08 -9.77 -5.83
CA TRP A 198 -4.94 -10.68 -5.97
C TRP A 198 -3.79 -10.19 -5.06
N SER A 199 -3.39 -8.92 -5.17
CA SER A 199 -2.31 -8.38 -4.33
C SER A 199 -2.62 -8.47 -2.82
N LEU A 200 -3.90 -8.34 -2.45
CA LEU A 200 -4.30 -8.49 -1.05
C LEU A 200 -4.13 -9.94 -0.60
N GLY A 201 -4.37 -10.90 -1.51
CA GLY A 201 -4.16 -12.31 -1.24
C GLY A 201 -2.68 -12.58 -0.96
N ILE A 202 -1.80 -12.00 -1.77
CA ILE A 202 -0.35 -12.14 -1.60
C ILE A 202 0.06 -11.55 -0.23
N LEU A 203 -0.51 -10.37 0.07
CA LEU A 203 -0.20 -9.66 1.30
C LEU A 203 -0.64 -10.46 2.53
N LEU A 204 -1.83 -11.06 2.48
CA LEU A 204 -2.33 -11.81 3.62
C LEU A 204 -1.47 -13.04 3.87
N TYR A 205 -1.07 -13.72 2.79
CA TYR A 205 -0.21 -14.90 2.89
C TYR A 205 1.11 -14.50 3.55
N ASP A 206 1.66 -13.40 3.08
CA ASP A 206 2.89 -12.82 3.60
C ASP A 206 2.81 -12.54 5.11
N MET A 207 1.70 -11.97 5.56
CA MET A 207 1.53 -11.70 6.98
C MET A 207 1.51 -12.96 7.82
N VAL A 208 0.79 -13.99 7.38
CA VAL A 208 0.63 -15.20 8.20
C VAL A 208 1.68 -16.27 7.97
N CYS A 209 2.45 -16.17 6.89
CA CYS A 209 3.52 -17.13 6.59
C CYS A 209 4.93 -16.55 6.71
N GLY A 210 5.05 -15.22 6.74
CA GLY A 210 6.34 -14.56 6.86
C GLY A 210 7.09 -14.35 5.55
N ASP A 211 6.47 -14.75 4.45
CA ASP A 211 7.05 -14.57 3.13
C ASP A 211 5.94 -14.69 2.10
N ILE A 212 6.20 -14.23 0.89
CA ILE A 212 5.21 -14.27 -0.19
C ILE A 212 5.14 -15.72 -0.71
N PRO A 213 4.00 -16.12 -1.27
CA PRO A 213 3.80 -17.52 -1.69
C PRO A 213 4.46 -17.91 -3.00
N PHE A 214 4.61 -16.97 -3.92
CA PHE A 214 5.17 -17.26 -5.24
C PHE A 214 6.42 -16.44 -5.51
N GLU A 215 7.40 -17.10 -6.11
CA GLU A 215 8.64 -16.47 -6.51
C GLU A 215 8.73 -16.32 -8.02
N HIS A 216 8.32 -17.35 -8.76
CA HIS A 216 8.44 -17.37 -10.22
C HIS A 216 7.12 -17.27 -11.01
N ASP A 217 7.23 -16.85 -12.27
CA ASP A 217 6.07 -16.72 -13.16
C ASP A 217 5.23 -17.99 -13.18
N GLU A 218 5.90 -19.12 -13.37
CA GLU A 218 5.25 -20.42 -13.44
C GLU A 218 4.42 -20.74 -12.18
N GLU A 219 4.92 -20.31 -11.02
CA GLU A 219 4.18 -20.52 -9.78
C GLU A 219 2.93 -19.64 -9.70
N ILE A 220 3.04 -18.39 -10.15
CA ILE A 220 1.88 -17.48 -10.16
C ILE A 220 0.79 -18.02 -11.08
N ILE A 221 1.19 -18.53 -12.23
CA ILE A 221 0.25 -19.06 -13.23
C ILE A 221 -0.43 -20.34 -12.78
N ARG A 222 0.30 -21.19 -12.07
CA ARG A 222 -0.23 -22.44 -11.57
C ARG A 222 -1.26 -22.18 -10.45
N GLY A 223 -1.04 -21.10 -9.70
CA GLY A 223 -1.95 -20.69 -8.63
C GLY A 223 -2.12 -21.59 -7.41
N GLN A 224 -1.30 -22.62 -7.31
CA GLN A 224 -1.36 -23.54 -6.18
C GLN A 224 -0.63 -22.93 -5.00
N VAL A 225 -1.35 -22.79 -3.89
CA VAL A 225 -0.80 -22.18 -2.68
C VAL A 225 -0.38 -23.23 -1.63
N PHE A 226 0.89 -23.23 -1.28
N PHE A 226 0.89 -23.22 -1.24
CA PHE A 226 1.44 -24.11 -0.24
CA PHE A 226 1.40 -24.12 -0.22
C PHE A 226 1.64 -23.27 1.01
C PHE A 226 1.75 -23.34 1.03
N PHE A 227 1.24 -23.78 2.17
CA PHE A 227 1.43 -23.09 3.44
C PHE A 227 2.63 -23.62 4.19
N ARG A 228 3.54 -22.70 4.51
CA ARG A 228 4.79 -23.02 5.21
C ARG A 228 4.67 -22.88 6.72
N GLN A 229 3.61 -22.21 7.18
CA GLN A 229 3.35 -22.07 8.61
C GLN A 229 1.96 -22.60 8.92
N ARG A 230 1.69 -22.85 10.20
CA ARG A 230 0.38 -23.27 10.62
C ARG A 230 -0.54 -22.07 10.38
N VAL A 231 -1.61 -22.26 9.63
CA VAL A 231 -2.58 -21.23 9.33
C VAL A 231 -3.95 -21.87 9.39
N SER A 232 -4.88 -21.22 10.07
CA SER A 232 -6.23 -21.77 10.24
C SER A 232 -6.89 -22.02 8.89
N SER A 233 -7.85 -22.93 8.91
CA SER A 233 -8.55 -23.32 7.71
C SER A 233 -9.32 -22.17 7.12
N GLU A 234 -9.88 -21.31 7.96
CA GLU A 234 -10.63 -20.15 7.51
C GLU A 234 -9.68 -19.14 6.82
N CYS A 235 -8.51 -18.88 7.38
CA CYS A 235 -7.55 -17.97 6.78
C CYS A 235 -7.04 -18.52 5.43
N GLN A 236 -6.70 -19.81 5.40
CA GLN A 236 -6.30 -20.46 4.16
C GLN A 236 -7.38 -20.28 3.09
N HIS A 237 -8.65 -20.46 3.47
CA HIS A 237 -9.77 -20.31 2.52
C HIS A 237 -9.81 -18.90 1.94
N LEU A 238 -9.73 -17.89 2.81
CA LEU A 238 -9.78 -16.50 2.36
C LEU A 238 -8.62 -16.23 1.38
N ILE A 239 -7.42 -16.68 1.74
CA ILE A 239 -6.24 -16.45 0.90
C ILE A 239 -6.42 -17.09 -0.45
N ARG A 240 -6.81 -18.37 -0.47
CA ARG A 240 -7.02 -19.12 -1.72
C ARG A 240 -8.09 -18.48 -2.60
N TRP A 241 -9.08 -17.85 -1.97
CA TRP A 241 -10.16 -17.20 -2.71
C TRP A 241 -9.65 -15.91 -3.37
N CYS A 242 -8.86 -15.14 -2.63
CA CYS A 242 -8.26 -13.92 -3.17
C CYS A 242 -7.29 -14.26 -4.31
N LEU A 243 -6.68 -15.45 -4.24
CA LEU A 243 -5.71 -15.87 -5.24
C LEU A 243 -6.32 -16.80 -6.27
N ALA A 244 -7.61 -16.67 -6.51
CA ALA A 244 -8.27 -17.46 -7.55
C ALA A 244 -7.62 -17.07 -8.88
N LEU A 245 -7.38 -18.06 -9.74
CA LEU A 245 -6.72 -17.82 -11.02
C LEU A 245 -7.58 -16.94 -11.92
N ARG A 246 -8.87 -17.23 -12.01
CA ARG A 246 -9.79 -16.42 -12.82
C ARG A 246 -10.18 -15.16 -12.03
N PRO A 247 -9.95 -13.98 -12.62
CA PRO A 247 -10.31 -12.73 -11.94
C PRO A 247 -11.74 -12.66 -11.39
N SER A 248 -12.70 -13.21 -12.13
CA SER A 248 -14.12 -13.18 -11.73
C SER A 248 -14.46 -14.09 -10.55
N ASP A 249 -13.58 -15.03 -10.21
CA ASP A 249 -13.77 -15.91 -9.08
C ASP A 249 -13.24 -15.29 -7.76
N ARG A 250 -12.50 -14.18 -7.83
CA ARG A 250 -11.99 -13.53 -6.62
C ARG A 250 -13.11 -12.76 -5.91
N PRO A 251 -13.00 -12.61 -4.60
CA PRO A 251 -14.01 -11.87 -3.85
C PRO A 251 -13.90 -10.37 -4.05
N THR A 252 -15.00 -9.68 -3.81
CA THR A 252 -15.03 -8.22 -3.80
C THR A 252 -14.52 -7.82 -2.42
N PHE A 253 -14.32 -6.52 -2.21
CA PHE A 253 -13.86 -6.03 -0.91
C PHE A 253 -14.89 -6.39 0.17
N GLU A 254 -16.18 -6.23 -0.13
CA GLU A 254 -17.26 -6.57 0.80
C GLU A 254 -17.22 -8.06 1.18
N GLU A 255 -17.00 -8.94 0.21
CA GLU A 255 -16.95 -10.37 0.49
C GLU A 255 -15.74 -10.70 1.36
N ILE A 256 -14.64 -9.98 1.18
CA ILE A 256 -13.48 -10.17 2.02
C ILE A 256 -13.81 -9.78 3.46
N GLN A 257 -14.40 -8.61 3.64
CA GLN A 257 -14.66 -8.10 4.97
C GLN A 257 -15.78 -8.86 5.68
N ASN A 258 -16.64 -9.55 4.94
CA ASN A 258 -17.72 -10.36 5.52
C ASN A 258 -17.30 -11.81 5.73
N HIS A 259 -16.08 -12.16 5.32
CA HIS A 259 -15.57 -13.51 5.47
C HIS A 259 -15.44 -13.89 6.96
N PRO A 260 -15.75 -15.14 7.32
CA PRO A 260 -15.65 -15.59 8.72
C PRO A 260 -14.32 -15.28 9.42
N TRP A 261 -13.19 -15.47 8.74
CA TRP A 261 -11.88 -15.13 9.33
C TRP A 261 -11.73 -13.65 9.70
N MET A 262 -12.42 -12.75 9.00
CA MET A 262 -12.30 -11.32 9.28
C MET A 262 -13.14 -10.76 10.42
N GLN A 263 -13.98 -11.59 11.05
CA GLN A 263 -14.86 -11.07 12.11
C GLN A 263 -14.14 -10.84 13.44
N ASP A 264 -14.71 -9.96 14.26
CA ASP A 264 -14.19 -9.62 15.60
C ASP A 264 -12.77 -9.01 15.60
N VAL A 265 -12.51 -8.15 14.62
CA VAL A 265 -11.21 -7.50 14.53
C VAL A 265 -10.96 -6.62 15.74
N LEU A 266 -9.71 -6.55 16.14
CA LEU A 266 -9.33 -5.69 17.24
C LEU A 266 -9.28 -4.27 16.72
N LEU A 267 -9.48 -3.30 17.62
CA LEU A 267 -9.34 -1.90 17.27
C LEU A 267 -7.83 -1.60 17.17
N PRO A 268 -7.44 -0.55 16.46
CA PRO A 268 -6.02 -0.17 16.35
C PRO A 268 -5.30 -0.03 17.71
N GLN A 269 -5.87 0.74 18.64
CA GLN A 269 -5.22 0.93 19.94
C GLN A 269 -5.07 -0.41 20.69
N GLU A 270 -6.08 -1.27 20.62
CA GLU A 270 -6.01 -2.60 21.22
C GLU A 270 -4.88 -3.43 20.61
N THR A 271 -4.76 -3.33 19.30
CA THR A 271 -3.75 -4.06 18.56
C THR A 271 -2.38 -3.64 19.05
N ALA A 272 -2.19 -2.35 19.23
CA ALA A 272 -0.92 -1.83 19.68
C ALA A 272 -0.59 -2.26 21.13
N GLU A 273 -1.59 -2.29 21.99
CA GLU A 273 -1.41 -2.65 23.41
C GLU A 273 -1.00 -4.13 23.56
N ILE A 274 -1.68 -4.98 22.80
CA ILE A 274 -1.48 -6.42 22.86
C ILE A 274 -0.24 -6.87 22.09
N HIS A 275 -0.02 -6.31 20.91
CA HIS A 275 1.04 -6.79 20.03
C HIS A 275 2.24 -5.88 19.75
N LEU A 276 2.08 -4.57 19.93
CA LEU A 276 3.17 -3.64 19.64
C LEU A 276 3.76 -3.06 20.93
N HIS A 277 3.27 -3.53 22.07
CA HIS A 277 3.74 -3.17 23.41
C HIS A 277 3.59 -1.69 23.85
N SER A 278 2.50 -1.05 23.41
CA SER A 278 2.20 0.33 23.79
C SER A 278 1.77 0.45 25.26
N1 IMD B . 8.66 -10.23 4.09
C2 IMD B . 9.58 -9.79 4.98
N3 IMD B . 10.68 -10.59 4.91
C4 IMD B . 10.46 -11.53 3.97
C5 IMD B . 9.18 -11.30 3.46
#